data_9GS5
#
_entry.id   9GS5
#
_cell.length_a   1.00
_cell.length_b   1.00
_cell.length_c   1.00
_cell.angle_alpha   90.00
_cell.angle_beta   90.00
_cell.angle_gamma   90.00
#
_symmetry.space_group_name_H-M   'P 1'
#
loop_
_entity.id
_entity.type
_entity.pdbx_description
1 polymer 'Solute carrier family 35 member B1'
2 polymer Fv-MBP
3 non-polymer "ADENOSINE-5'-DIPHOSPHATE"
#
loop_
_entity_poly.entity_id
_entity_poly.type
_entity_poly.pdbx_seq_one_letter_code
_entity_poly.pdbx_strand_id
1 'polypeptide(L)'
;MASSSSLVPDRLRLPLCFLGVFVCYFYYGILQAKITRGKYGEGAKQETFTFALTLVFIQCVINAVFAKILIQFFDTARVD
HTRSWLYAACSISYLGAMVSSNSALQFVNYPTQVLGKSCKPIPVMLLGVTLLKKKYPLAKYLCVLLIVAGVALFMYKPKK
VVGIEEHTVGYGELLLLLSLTLDGLTGVSQDHMRAHYQTGSNHMMLNINLWSTLLLGMGILFTGELWEFLSFAERYPAII
YNILLFGLTSALGQSFIFMTVVYFGPLTCSIITTTRKFFTILASVILFANPISPMQWVGTVLVFLGLGLDAKFGKGAKKT
SHGENLYFQ
;
A
2 'polypeptide(L)'
;DIVMTQSPASLTVSLGQSVTISCRASENVEYYGTSLMQWYQQKPGQPPKFLIYGASNIESGVPARFSGSGSGTDFSLNIH
PVEEDDIAMYFCQQSRKVPYTFGSGTKLEIKGSGKIEEGKLVIWINGDKGYNGLAEVGKKFEKDTGIKVTVEHPDKLEEK
FPQVAATGDGPDIIFWAHDRFGGYAQSGLLAEITPDKAFQDKLYPFTWDAVRYNGKLIAYPIAVEALSLIYNKDLLPNPP
KTWEEIPALDKELKAKGKSALMFNLQEPYFTWPLIAADGGYAFKYENGKYDIKDVGVDNAGAKAGLTFLVDLIKNKHMNA
DTDYSIAEAAFNKGETAMTINGPWAWSNIDTSKVNYGVTVLPTFKGQPSKPFVGVLSAGINAASPNKELAKEFLENYLLT
DEGLEAVNKDKPLGAVALKSYEEELVKDPRIAATMENAQKGEIMPNIPQMSAFWYAVRTAVINAASGRQTVDEALKDAQT
NALGSGEVQLQESGPGLVKPSQSLSLTCSVTGYSITSDYYWNWIRQFPGNKLEWMAYIRYDGTSDYNPSLKNRISITRDT
SKNQFFLKLNSVATEDTATYYCARAYYYDGINFDYWGQGTTLTVSSENLYFQ
;
B
#
loop_
_chem_comp.id
_chem_comp.type
_chem_comp.name
_chem_comp.formula
ADP non-polymer ADENOSINE-5'-DIPHOSPHATE 'C10 H15 N5 O10 P2'
#
# COMPACT_ATOMS: atom_id res chain seq x y z
N ARG A 13 10.29 17.14 -5.91
CA ARG A 13 9.35 16.81 -4.85
C ARG A 13 9.99 16.96 -3.47
N LEU A 14 11.22 16.44 -3.34
CA LEU A 14 11.88 16.44 -2.04
C LEU A 14 12.01 17.84 -1.45
N PRO A 15 12.49 18.85 -2.17
CA PRO A 15 12.54 20.20 -1.58
C PRO A 15 11.18 20.71 -1.14
N LEU A 16 10.14 20.44 -1.94
CA LEU A 16 8.79 20.89 -1.57
C LEU A 16 8.34 20.23 -0.27
N CYS A 17 8.52 18.91 -0.17
CA CYS A 17 8.14 18.21 1.05
C CYS A 17 8.93 18.73 2.24
N PHE A 18 10.24 18.94 2.07
CA PHE A 18 11.05 19.45 3.16
C PHE A 18 10.54 20.81 3.64
N LEU A 19 10.32 21.74 2.71
CA LEU A 19 9.86 23.06 3.09
C LEU A 19 8.50 23.00 3.78
N GLY A 20 7.56 22.28 3.18
CA GLY A 20 6.23 22.22 3.76
C GLY A 20 6.22 21.61 5.14
N VAL A 21 6.88 20.46 5.30
CA VAL A 21 6.91 19.81 6.60
C VAL A 21 7.62 20.70 7.62
N PHE A 22 8.73 21.32 7.22
CA PHE A 22 9.48 22.16 8.16
C PHE A 22 8.61 23.29 8.68
N VAL A 23 8.01 24.08 7.78
CA VAL A 23 7.23 25.23 8.24
C VAL A 23 6.00 24.76 9.03
N CYS A 24 5.29 23.76 8.52
CA CYS A 24 4.06 23.33 9.18
C CYS A 24 4.35 22.79 10.57
N TYR A 25 5.40 21.98 10.72
CA TYR A 25 5.71 21.43 12.03
C TYR A 25 6.34 22.46 12.96
N PHE A 26 7.01 23.48 12.42
CA PHE A 26 7.45 24.59 13.26
C PHE A 26 6.26 25.29 13.88
N TYR A 27 5.24 25.60 13.05
CA TYR A 27 4.04 26.22 13.59
C TYR A 27 3.30 25.26 14.53
N TYR A 28 3.33 23.97 14.23
CA TYR A 28 2.72 22.97 15.09
C TYR A 28 3.37 22.98 16.47
N GLY A 29 4.69 23.02 16.52
CA GLY A 29 5.38 23.10 17.80
C GLY A 29 5.08 24.38 18.54
N ILE A 30 5.02 25.50 17.82
CA ILE A 30 4.67 26.78 18.46
C ILE A 30 3.30 26.67 19.11
N LEU A 31 2.31 26.17 18.37
CA LEU A 31 0.96 26.07 18.90
C LEU A 31 0.89 25.10 20.06
N GLN A 32 1.59 23.97 19.97
CA GLN A 32 1.60 23.00 21.06
C GLN A 32 2.17 23.62 22.33
N ALA A 33 3.29 24.34 22.20
CA ALA A 33 3.86 25.01 23.37
C ALA A 33 2.89 26.04 23.94
N LYS A 34 2.26 26.83 23.07
CA LYS A 34 1.33 27.85 23.54
C LYS A 34 0.18 27.21 24.31
N ILE A 35 -0.37 26.11 23.81
CA ILE A 35 -1.50 25.47 24.47
C ILE A 35 -1.06 24.85 25.79
N THR A 36 0.06 24.12 25.78
CA THR A 36 0.47 23.40 26.98
C THR A 36 0.90 24.34 28.10
N ARG A 37 1.62 25.40 27.76
CA ARG A 37 2.21 26.29 28.76
C ARG A 37 1.33 27.50 29.06
N GLY A 38 0.05 27.44 28.70
CA GLY A 38 -0.82 28.59 28.93
C GLY A 38 -0.97 28.94 30.40
N LYS A 39 -1.15 27.93 31.25
CA LYS A 39 -1.40 28.13 32.67
C LYS A 39 -2.64 29.00 32.89
N TYR A 40 -3.77 28.45 32.46
CA TYR A 40 -5.04 29.16 32.50
C TYR A 40 -5.67 29.07 33.88
N GLU A 47 -4.81 26.91 37.10
CA GLU A 47 -4.84 25.49 36.76
C GLU A 47 -3.72 25.16 35.77
N THR A 48 -3.52 23.86 35.54
CA THR A 48 -2.50 23.37 34.63
C THR A 48 -3.10 22.35 33.68
N PHE A 49 -2.58 22.33 32.45
CA PHE A 49 -3.07 21.43 31.42
C PHE A 49 -2.36 20.09 31.56
N THR A 50 -3.07 19.07 32.04
CA THR A 50 -2.54 17.73 32.22
C THR A 50 -3.39 16.72 31.43
N PHE A 51 -3.74 17.07 30.21
CA PHE A 51 -4.60 16.27 29.36
C PHE A 51 -3.95 16.02 28.00
N ALA A 52 -2.70 15.54 28.02
CA ALA A 52 -2.00 15.27 26.78
C ALA A 52 -2.72 14.23 25.93
N LEU A 53 -3.24 13.17 26.58
CA LEU A 53 -3.85 12.08 25.83
C LEU A 53 -5.04 12.57 25.01
N THR A 54 -5.90 13.38 25.61
CA THR A 54 -7.05 13.89 24.86
C THR A 54 -6.60 14.85 23.78
N LEU A 55 -5.49 15.56 23.98
CA LEU A 55 -4.95 16.40 22.91
C LEU A 55 -4.54 15.56 21.72
N VAL A 56 -3.86 14.44 21.97
CA VAL A 56 -3.48 13.55 20.87
C VAL A 56 -4.73 12.95 20.22
N PHE A 57 -5.75 12.66 21.02
CA PHE A 57 -6.99 12.13 20.47
C PHE A 57 -7.65 13.13 19.54
N ILE A 58 -7.72 14.40 19.95
CA ILE A 58 -8.30 15.43 19.11
C ILE A 58 -7.49 15.60 17.84
N GLN A 59 -6.16 15.59 17.97
CA GLN A 59 -5.31 15.69 16.79
C GLN A 59 -5.58 14.57 15.81
N CYS A 60 -5.71 13.33 16.32
CA CYS A 60 -5.97 12.19 15.46
C CYS A 60 -7.33 12.31 14.78
N VAL A 61 -8.34 12.76 15.53
CA VAL A 61 -9.68 12.91 14.96
C VAL A 61 -9.66 13.92 13.82
N ILE A 62 -9.01 15.07 14.05
CA ILE A 62 -8.95 16.11 13.03
C ILE A 62 -8.20 15.62 11.81
N ASN A 63 -7.08 14.91 12.03
CA ASN A 63 -6.32 14.38 10.90
C ASN A 63 -7.15 13.37 10.10
N ALA A 64 -7.91 12.52 10.79
CA ALA A 64 -8.76 11.55 10.10
C ALA A 64 -9.81 12.26 9.26
N VAL A 65 -10.44 13.30 9.81
CA VAL A 65 -11.44 14.05 9.05
C VAL A 65 -10.80 14.68 7.82
N PHE A 66 -9.62 15.27 7.99
CA PHE A 66 -8.94 15.90 6.85
C PHE A 66 -8.60 14.87 5.79
N ALA A 67 -8.13 13.69 6.21
CA ALA A 67 -7.81 12.64 5.24
C ALA A 67 -9.05 12.18 4.50
N LYS A 68 -10.18 12.05 5.20
CA LYS A 68 -11.41 11.68 4.54
C LYS A 68 -11.82 12.72 3.51
N ILE A 69 -11.69 14.01 3.87
CA ILE A 69 -12.01 15.06 2.92
C ILE A 69 -11.11 14.96 1.69
N LEU A 70 -9.81 14.75 1.90
CA LEU A 70 -8.89 14.64 0.78
C LEU A 70 -9.24 13.45 -0.10
N ILE A 71 -9.59 12.32 0.50
CA ILE A 71 -9.95 11.15 -0.30
C ILE A 71 -11.20 11.44 -1.12
N GLN A 72 -12.20 12.05 -0.50
CA GLN A 72 -13.46 12.30 -1.19
C GLN A 72 -13.28 13.31 -2.32
N PHE A 73 -12.35 14.25 -2.17
CA PHE A 73 -12.20 15.31 -3.16
C PHE A 73 -11.15 15.01 -4.23
N PHE A 74 -10.23 14.09 -3.98
CA PHE A 74 -9.11 13.90 -4.89
C PHE A 74 -8.94 12.46 -5.37
N ASP A 75 -9.18 11.47 -4.51
CA ASP A 75 -8.85 10.07 -4.80
C ASP A 75 -10.09 9.19 -4.72
N THR A 76 -11.19 9.65 -5.32
CA THR A 76 -12.41 8.84 -5.32
C THR A 76 -12.24 7.57 -6.15
N ALA A 77 -11.51 7.66 -7.26
CA ALA A 77 -11.41 6.52 -8.17
C ALA A 77 -10.72 5.34 -7.51
N ARG A 78 -9.64 5.59 -6.76
CA ARG A 78 -8.85 4.50 -6.22
C ARG A 78 -9.67 3.66 -5.24
N VAL A 79 -9.33 2.37 -5.16
CA VAL A 79 -9.94 1.44 -4.23
C VAL A 79 -8.84 0.88 -3.34
N ASP A 80 -9.03 0.98 -2.03
CA ASP A 80 -8.02 0.51 -1.09
C ASP A 80 -7.95 -1.01 -1.11
N HIS A 81 -6.73 -1.54 -1.07
CA HIS A 81 -6.49 -2.97 -1.06
C HIS A 81 -5.89 -3.47 0.24
N THR A 82 -5.44 -2.58 1.11
CA THR A 82 -4.77 -2.99 2.34
C THR A 82 -5.71 -3.72 3.29
N ARG A 83 -5.16 -4.68 4.02
CA ARG A 83 -5.91 -5.38 5.05
C ARG A 83 -6.04 -4.51 6.30
N SER A 84 -7.17 -4.63 6.97
CA SER A 84 -7.44 -3.79 8.15
C SER A 84 -6.43 -4.06 9.26
N TRP A 85 -6.08 -5.33 9.48
CA TRP A 85 -5.18 -5.66 10.59
C TRP A 85 -3.84 -4.97 10.44
N LEU A 86 -3.39 -4.73 9.20
CA LEU A 86 -2.15 -4.00 9.00
C LEU A 86 -2.26 -2.57 9.54
N TYR A 87 -3.37 -1.90 9.22
CA TYR A 87 -3.59 -0.56 9.76
C TYR A 87 -3.67 -0.59 11.27
N ALA A 88 -4.35 -1.59 11.84
CA ALA A 88 -4.44 -1.69 13.29
C ALA A 88 -3.05 -1.84 13.91
N ALA A 89 -2.22 -2.70 13.31
CA ALA A 89 -0.88 -2.91 13.84
C ALA A 89 -0.06 -1.63 13.77
N CYS A 90 -0.13 -0.92 12.63
CA CYS A 90 0.61 0.33 12.51
C CYS A 90 0.16 1.34 13.55
N SER A 91 -1.16 1.45 13.76
CA SER A 91 -1.67 2.41 14.72
C SER A 91 -1.22 2.07 16.13
N ILE A 92 -1.29 0.78 16.51
CA ILE A 92 -0.90 0.41 17.87
C ILE A 92 0.60 0.65 18.06
N SER A 93 1.41 0.35 17.04
CA SER A 93 2.84 0.61 17.15
C SER A 93 3.11 2.11 17.33
N TYR A 94 2.44 2.95 16.55
CA TYR A 94 2.66 4.39 16.68
C TYR A 94 2.24 4.90 18.05
N LEU A 95 1.09 4.44 18.54
CA LEU A 95 0.63 4.86 19.86
C LEU A 95 1.58 4.38 20.95
N GLY A 96 2.09 3.15 20.83
CA GLY A 96 3.05 2.66 21.80
C GLY A 96 4.31 3.50 21.80
N ALA A 97 4.80 3.87 20.62
CA ALA A 97 5.97 4.74 20.56
C ALA A 97 5.71 6.06 21.24
N MET A 98 4.56 6.68 20.96
CA MET A 98 4.24 7.97 21.55
C MET A 98 4.17 7.89 23.07
N VAL A 99 3.48 6.86 23.57
CA VAL A 99 3.29 6.75 25.03
C VAL A 99 4.62 6.44 25.71
N SER A 100 5.44 5.58 25.10
CA SER A 100 6.75 5.28 25.67
C SER A 100 7.62 6.53 25.72
N SER A 101 7.62 7.33 24.64
CA SER A 101 8.40 8.55 24.64
C SER A 101 7.92 9.51 25.72
N ASN A 102 6.60 9.66 25.87
CA ASN A 102 6.08 10.57 26.89
C ASN A 102 6.43 10.08 28.30
N SER A 103 6.32 8.77 28.53
CA SER A 103 6.70 8.24 29.84
C SER A 103 8.17 8.45 30.13
N ALA A 104 9.03 8.25 29.12
CA ALA A 104 10.45 8.51 29.31
C ALA A 104 10.70 9.98 29.62
N LEU A 105 10.00 10.88 28.94
CA LEU A 105 10.15 12.30 29.23
C LEU A 105 9.73 12.60 30.65
N GLN A 106 8.66 11.95 31.13
CA GLN A 106 8.27 12.11 32.53
C GLN A 106 9.37 11.60 33.45
N PHE A 107 10.00 10.49 33.11
CA PHE A 107 11.03 9.88 33.94
C PHE A 107 12.41 10.48 33.74
N VAL A 108 12.69 11.09 32.59
CA VAL A 108 14.01 11.58 32.25
C VAL A 108 13.91 13.02 31.77
N ASN A 109 15.03 13.73 31.88
CA ASN A 109 15.05 15.14 31.49
C ASN A 109 14.69 15.31 30.02
N TYR A 110 14.14 16.48 29.70
CA TYR A 110 13.61 16.72 28.36
C TYR A 110 14.67 16.58 27.27
N PRO A 111 15.85 17.22 27.37
CA PRO A 111 16.80 17.15 26.25
C PRO A 111 17.19 15.73 25.86
N THR A 112 17.38 14.85 26.85
CA THR A 112 17.78 13.48 26.55
C THR A 112 16.72 12.78 25.72
N GLN A 113 15.45 12.98 26.06
CA GLN A 113 14.37 12.39 25.27
C GLN A 113 14.39 12.92 23.84
N VAL A 114 14.66 14.21 23.67
CA VAL A 114 14.72 14.80 22.33
C VAL A 114 15.83 14.14 21.52
N LEU A 115 17.03 14.06 22.09
CA LEU A 115 18.14 13.50 21.33
C LEU A 115 17.91 12.02 21.04
N GLY A 116 17.29 11.30 21.98
CA GLY A 116 16.94 9.91 21.73
C GLY A 116 15.95 9.77 20.59
N LYS A 117 14.91 10.60 20.56
CA LYS A 117 13.96 10.57 19.46
C LYS A 117 14.61 10.97 18.15
N SER A 118 15.69 11.75 18.20
CA SER A 118 16.40 12.11 16.98
C SER A 118 17.08 10.92 16.34
N CYS A 119 17.32 9.84 17.09
CA CYS A 119 17.99 8.66 16.57
C CYS A 119 16.99 7.63 16.05
N LYS A 120 16.10 8.06 15.17
CA LYS A 120 15.08 7.21 14.58
C LYS A 120 15.61 6.42 13.37
N PRO A 121 16.39 7.04 12.49
CA PRO A 121 16.82 6.31 11.28
C PRO A 121 17.55 5.02 11.56
N ILE A 122 18.38 4.97 12.60
CA ILE A 122 19.16 3.77 12.91
C ILE A 122 18.20 2.62 13.21
N PRO A 123 17.29 2.77 14.18
CA PRO A 123 16.34 1.68 14.43
C PRO A 123 15.46 1.37 13.24
N VAL A 124 15.05 2.38 12.47
CA VAL A 124 14.21 2.10 11.31
C VAL A 124 14.95 1.19 10.34
N MET A 125 16.20 1.56 10.00
CA MET A 125 16.98 0.76 9.06
C MET A 125 17.24 -0.64 9.61
N LEU A 126 17.61 -0.73 10.88
CA LEU A 126 17.92 -2.04 11.45
C LEU A 126 16.71 -2.96 11.44
N LEU A 127 15.55 -2.43 11.85
CA LEU A 127 14.34 -3.24 11.85
C LEU A 127 13.96 -3.65 10.42
N GLY A 128 14.08 -2.72 9.47
CA GLY A 128 13.79 -3.07 8.09
C GLY A 128 14.67 -4.20 7.59
N VAL A 129 15.97 -4.10 7.85
CA VAL A 129 16.90 -5.13 7.39
C VAL A 129 16.58 -6.46 8.06
N THR A 130 16.30 -6.44 9.37
CA THR A 130 16.08 -7.68 10.10
C THR A 130 14.78 -8.37 9.66
N LEU A 131 13.73 -7.59 9.42
CA LEU A 131 12.41 -8.17 9.17
C LEU A 131 12.15 -8.35 7.67
N LEU A 132 12.17 -7.27 6.91
CA LEU A 132 11.85 -7.33 5.48
C LEU A 132 13.02 -7.82 4.64
N LYS A 133 14.19 -8.02 5.24
CA LYS A 133 15.35 -8.55 4.53
C LYS A 133 15.82 -7.60 3.42
N LYS A 134 15.56 -6.30 3.60
CA LYS A 134 16.06 -5.31 2.67
C LYS A 134 17.58 -5.21 2.78
N LYS A 135 18.22 -4.87 1.67
CA LYS A 135 19.67 -4.69 1.62
C LYS A 135 19.97 -3.29 1.11
N TYR A 136 20.85 -2.59 1.81
CA TYR A 136 21.25 -1.24 1.45
C TYR A 136 22.74 -1.20 1.15
N PRO A 137 23.18 -0.34 0.24
CA PRO A 137 24.61 -0.18 0.02
C PRO A 137 25.28 0.44 1.23
N LEU A 138 26.55 0.06 1.44
CA LEU A 138 27.28 0.57 2.60
C LEU A 138 27.40 2.08 2.57
N ALA A 139 27.29 2.69 1.39
CA ALA A 139 27.28 4.16 1.33
C ALA A 139 26.09 4.71 2.10
N LYS A 140 24.91 4.12 1.93
CA LYS A 140 23.75 4.54 2.68
C LYS A 140 23.94 4.31 4.17
N TYR A 141 24.52 3.18 4.55
CA TYR A 141 24.80 2.90 5.95
C TYR A 141 25.66 4.00 6.57
N LEU A 142 26.78 4.31 5.91
CA LEU A 142 27.67 5.34 6.44
C LEU A 142 26.99 6.70 6.47
N CYS A 143 26.23 7.03 5.42
CA CYS A 143 25.56 8.33 5.38
C CYS A 143 24.57 8.46 6.54
N VAL A 144 23.77 7.43 6.77
CA VAL A 144 22.78 7.48 7.85
C VAL A 144 23.47 7.55 9.20
N LEU A 145 24.51 6.74 9.41
CA LEU A 145 25.22 6.78 10.67
C LEU A 145 25.82 8.14 10.92
N LEU A 146 26.44 8.73 9.90
CA LEU A 146 27.07 10.03 10.03
C LEU A 146 26.03 11.12 10.29
N ILE A 147 24.89 11.07 9.61
CA ILE A 147 23.83 12.05 9.85
C ILE A 147 23.34 11.95 11.30
N VAL A 148 23.08 10.73 11.77
CA VAL A 148 22.58 10.56 13.13
C VAL A 148 23.60 11.04 14.14
N ALA A 149 24.87 10.67 13.95
CA ALA A 149 25.91 11.08 14.89
C ALA A 149 26.06 12.60 14.90
N GLY A 150 26.04 13.23 13.73
CA GLY A 150 26.15 14.68 13.68
C GLY A 150 24.99 15.38 14.36
N VAL A 151 23.77 14.89 14.13
CA VAL A 151 22.60 15.51 14.76
C VAL A 151 22.67 15.35 16.27
N ALA A 152 23.03 14.16 16.75
CA ALA A 152 23.15 13.96 18.19
C ALA A 152 24.24 14.85 18.77
N LEU A 153 25.38 14.97 18.09
CA LEU A 153 26.48 15.78 18.61
C LEU A 153 26.09 17.25 18.65
N PHE A 154 25.44 17.75 17.60
CA PHE A 154 25.04 19.15 17.57
C PHE A 154 24.10 19.47 18.72
N MET A 155 23.11 18.61 18.95
CA MET A 155 22.27 18.75 20.12
C MET A 155 23.12 18.55 21.37
N TYR A 156 22.77 19.27 22.43
CA TYR A 156 23.54 19.23 23.67
C TYR A 156 23.87 17.80 24.06
N LYS A 157 25.14 17.56 24.38
CA LYS A 157 25.62 16.25 24.78
C LYS A 157 26.39 16.40 26.09
N PRO A 158 26.06 15.61 27.13
CA PRO A 158 26.79 15.77 28.39
C PRO A 158 28.09 14.97 28.42
N VAL A 169 21.35 4.45 36.62
CA VAL A 169 21.31 5.43 35.56
C VAL A 169 20.29 5.02 34.50
N GLY A 170 19.90 3.75 34.51
CA GLY A 170 18.96 3.22 33.54
C GLY A 170 17.52 3.34 34.00
N TYR A 171 16.67 2.52 33.38
CA TYR A 171 15.24 2.48 33.68
C TYR A 171 14.53 3.72 33.11
N GLY A 172 15.29 4.65 32.54
CA GLY A 172 14.71 5.77 31.83
C GLY A 172 15.16 5.78 30.39
N GLU A 173 16.38 5.27 30.16
CA GLU A 173 16.86 5.08 28.79
C GLU A 173 16.22 3.86 28.14
N LEU A 174 15.80 2.88 28.95
CA LEU A 174 15.11 1.71 28.39
C LEU A 174 13.82 2.11 27.71
N LEU A 175 13.08 3.06 28.29
CA LEU A 175 11.85 3.52 27.67
C LEU A 175 12.12 4.19 26.34
N LEU A 176 13.18 5.00 26.26
CA LEU A 176 13.55 5.62 24.99
C LEU A 176 13.93 4.57 23.96
N LEU A 177 14.67 3.54 24.39
CA LEU A 177 15.00 2.44 23.48
C LEU A 177 13.75 1.74 22.98
N LEU A 178 12.78 1.51 23.86
CA LEU A 178 11.54 0.88 23.45
C LEU A 178 10.77 1.76 22.47
N SER A 179 10.76 3.07 22.70
CA SER A 179 10.10 3.98 21.77
C SER A 179 10.77 3.93 20.41
N LEU A 180 12.10 3.92 20.38
CA LEU A 180 12.81 3.80 19.11
C LEU A 180 12.47 2.49 18.40
N THR A 181 12.41 1.40 19.16
CA THR A 181 12.07 0.11 18.57
C THR A 181 10.67 0.13 17.99
N LEU A 182 9.71 0.73 18.71
CA LEU A 182 8.35 0.79 18.20
C LEU A 182 8.26 1.67 16.96
N ASP A 183 9.02 2.77 16.92
CA ASP A 183 9.06 3.59 15.71
C ASP A 183 9.62 2.80 14.54
N GLY A 184 10.67 2.03 14.77
CA GLY A 184 11.20 1.17 13.71
C GLY A 184 10.18 0.14 13.25
N LEU A 185 9.42 -0.43 14.19
CA LEU A 185 8.38 -1.38 13.82
C LEU A 185 7.29 -0.72 12.99
N THR A 186 6.91 0.50 13.35
CA THR A 186 5.94 1.24 12.54
C THR A 186 6.48 1.48 11.13
N GLY A 187 7.75 1.85 11.02
CA GLY A 187 8.34 2.03 9.70
C GLY A 187 8.33 0.75 8.90
N VAL A 188 8.65 -0.38 9.55
CA VAL A 188 8.63 -1.67 8.86
C VAL A 188 7.22 -1.98 8.36
N SER A 189 6.22 -1.76 9.22
CA SER A 189 4.84 -2.04 8.82
C SER A 189 4.42 -1.18 7.64
N GLN A 190 4.76 0.11 7.67
CA GLN A 190 4.41 1.00 6.57
C GLN A 190 5.11 0.57 5.28
N ASP A 191 6.39 0.19 5.37
CA ASP A 191 7.12 -0.24 4.19
C ASP A 191 6.47 -1.48 3.60
N HIS A 192 6.15 -2.47 4.43
CA HIS A 192 5.50 -3.67 3.94
C HIS A 192 4.16 -3.34 3.30
N MET A 193 3.38 -2.48 3.95
CA MET A 193 2.07 -2.12 3.41
C MET A 193 2.21 -1.49 2.03
N ARG A 194 3.07 -0.49 1.89
CA ARG A 194 3.21 0.19 0.60
C ARG A 194 3.82 -0.73 -0.44
N ALA A 195 4.68 -1.66 -0.05
CA ALA A 195 5.33 -2.53 -1.02
C ALA A 195 4.36 -3.57 -1.56
N HIS A 196 3.58 -4.20 -0.68
CA HIS A 196 2.77 -5.35 -1.08
C HIS A 196 1.29 -5.02 -1.27
N TYR A 197 0.89 -3.76 -1.07
CA TYR A 197 -0.50 -3.38 -1.31
C TYR A 197 -0.66 -2.05 -2.02
N GLN A 198 0.43 -1.34 -2.32
CA GLN A 198 0.35 -0.07 -3.04
C GLN A 198 -0.62 0.88 -2.36
N THR A 199 -0.57 0.92 -1.03
CA THR A 199 -1.48 1.76 -0.27
C THR A 199 -1.26 3.23 -0.62
N GLY A 200 -2.37 3.94 -0.88
CA GLY A 200 -2.27 5.36 -1.11
C GLY A 200 -2.00 6.11 0.18
N SER A 201 -1.37 7.28 0.03
CA SER A 201 -1.02 8.07 1.20
C SER A 201 -2.26 8.46 1.99
N ASN A 202 -3.29 8.94 1.29
CA ASN A 202 -4.49 9.39 1.98
C ASN A 202 -5.19 8.24 2.70
N HIS A 203 -5.31 7.08 2.04
CA HIS A 203 -5.94 5.94 2.67
C HIS A 203 -5.16 5.49 3.90
N MET A 204 -3.83 5.43 3.79
CA MET A 204 -3.01 5.04 4.92
C MET A 204 -3.21 5.99 6.09
N MET A 205 -3.17 7.30 5.81
CA MET A 205 -3.34 8.29 6.86
C MET A 205 -4.70 8.14 7.51
N LEU A 206 -5.76 8.03 6.71
CA LEU A 206 -7.11 7.94 7.25
C LEU A 206 -7.26 6.71 8.13
N ASN A 207 -6.80 5.56 7.67
CA ASN A 207 -7.00 4.34 8.44
C ASN A 207 -6.18 4.35 9.73
N ILE A 208 -4.91 4.74 9.64
CA ILE A 208 -4.08 4.80 10.84
C ILE A 208 -4.71 5.76 11.84
N ASN A 209 -5.17 6.92 11.37
CA ASN A 209 -5.74 7.90 12.28
C ASN A 209 -7.04 7.39 12.90
N LEU A 210 -7.86 6.67 12.12
CA LEU A 210 -9.09 6.11 12.68
C LEU A 210 -8.79 5.11 13.79
N TRP A 211 -7.86 4.19 13.53
CA TRP A 211 -7.52 3.21 14.56
C TRP A 211 -6.93 3.88 15.79
N SER A 212 -6.05 4.86 15.58
CA SER A 212 -5.47 5.60 16.71
C SER A 212 -6.57 6.31 17.49
N THR A 213 -7.53 6.92 16.79
CA THR A 213 -8.63 7.59 17.48
C THR A 213 -9.43 6.61 18.31
N LEU A 214 -9.73 5.44 17.76
CA LEU A 214 -10.48 4.44 18.52
C LEU A 214 -9.73 4.06 19.80
N LEU A 215 -8.45 3.69 19.66
CA LEU A 215 -7.69 3.25 20.83
C LEU A 215 -7.57 4.37 21.86
N LEU A 216 -7.24 5.59 21.41
CA LEU A 216 -7.06 6.70 22.33
C LEU A 216 -8.38 7.06 23.01
N GLY A 217 -9.49 7.00 22.28
CA GLY A 217 -10.77 7.27 22.90
C GLY A 217 -11.12 6.25 23.96
N MET A 218 -10.86 4.96 23.69
CA MET A 218 -11.10 3.95 24.70
C MET A 218 -10.25 4.20 25.94
N GLY A 219 -8.97 4.51 25.73
CA GLY A 219 -8.09 4.78 26.86
C GLY A 219 -8.53 6.00 27.65
N ILE A 220 -8.94 7.06 26.95
CA ILE A 220 -9.39 8.28 27.61
C ILE A 220 -10.65 8.00 28.43
N LEU A 221 -11.60 7.27 27.84
CA LEU A 221 -12.83 6.95 28.56
C LEU A 221 -12.53 6.12 29.80
N PHE A 222 -11.65 5.13 29.69
CA PHE A 222 -11.31 4.31 30.86
C PHE A 222 -10.65 5.17 31.93
N THR A 223 -9.61 5.91 31.57
CA THR A 223 -8.89 6.73 32.54
C THR A 223 -9.74 7.87 33.08
N GLY A 224 -10.78 8.28 32.36
CA GLY A 224 -11.66 9.33 32.81
C GLY A 224 -11.20 10.75 32.50
N GLU A 225 -10.07 10.92 31.82
CA GLU A 225 -9.59 12.26 31.50
C GLU A 225 -10.57 13.04 30.64
N LEU A 226 -11.48 12.35 29.95
CA LEU A 226 -12.44 13.05 29.09
C LEU A 226 -13.22 14.09 29.87
N TRP A 227 -13.76 13.71 31.03
CA TRP A 227 -14.61 14.61 31.78
C TRP A 227 -13.81 15.77 32.39
N GLU A 228 -12.63 15.48 32.92
CA GLU A 228 -11.80 16.54 33.46
C GLU A 228 -11.42 17.54 32.37
N PHE A 229 -11.04 17.04 31.19
CA PHE A 229 -10.70 17.95 30.10
C PHE A 229 -11.91 18.75 29.64
N LEU A 230 -13.09 18.12 29.59
CA LEU A 230 -14.28 18.84 29.19
C LEU A 230 -14.60 19.97 30.17
N SER A 231 -14.50 19.69 31.47
CA SER A 231 -14.73 20.74 32.45
C SER A 231 -13.69 21.85 32.32
N PHE A 232 -12.43 21.48 32.11
CA PHE A 232 -11.37 22.48 31.94
C PHE A 232 -11.65 23.35 30.72
N ALA A 233 -12.07 22.75 29.61
CA ALA A 233 -12.38 23.53 28.42
C ALA A 233 -13.58 24.44 28.64
N GLU A 234 -14.60 23.94 29.33
CA GLU A 234 -15.76 24.79 29.62
C GLU A 234 -15.37 25.98 30.49
N ARG A 235 -14.49 25.76 31.46
CA ARG A 235 -14.04 26.86 32.30
C ARG A 235 -13.30 27.92 31.48
N TYR A 236 -12.49 27.50 30.52
CA TYR A 236 -11.73 28.40 29.65
C TYR A 236 -12.05 28.05 28.20
N PRO A 237 -13.20 28.50 27.69
CA PRO A 237 -13.57 28.13 26.31
C PRO A 237 -12.58 28.61 25.26
N ALA A 238 -11.82 29.68 25.54
CA ALA A 238 -10.91 30.22 24.54
C ALA A 238 -9.96 29.15 24.02
N ILE A 239 -9.51 28.26 24.91
CA ILE A 239 -8.59 27.20 24.50
C ILE A 239 -9.06 26.55 23.22
N ILE A 240 -10.37 26.31 23.11
CA ILE A 240 -10.92 25.61 21.95
C ILE A 240 -10.31 26.18 20.67
N TYR A 241 -10.42 27.50 20.49
CA TYR A 241 -9.89 28.14 19.30
C TYR A 241 -8.49 27.62 18.99
N ASN A 242 -7.55 27.86 19.91
CA ASN A 242 -6.18 27.43 19.68
C ASN A 242 -6.13 25.96 19.31
N ILE A 243 -6.79 25.12 20.13
CA ILE A 243 -6.80 23.68 19.86
C ILE A 243 -7.14 23.44 18.40
N LEU A 244 -8.27 23.97 17.95
CA LEU A 244 -8.69 23.73 16.58
C LEU A 244 -7.58 24.13 15.62
N LEU A 245 -7.11 25.38 15.75
CA LEU A 245 -6.01 25.82 14.90
C LEU A 245 -4.86 24.85 14.99
N PHE A 246 -4.43 24.54 16.21
CA PHE A 246 -3.34 23.59 16.41
C PHE A 246 -3.62 22.32 15.63
N GLY A 247 -4.81 21.73 15.83
CA GLY A 247 -5.11 20.49 15.16
C GLY A 247 -4.95 20.61 13.66
N LEU A 248 -5.48 21.69 13.09
CA LEU A 248 -5.41 21.87 11.64
C LEU A 248 -3.96 21.74 11.18
N THR A 249 -3.04 22.43 11.86
CA THR A 249 -1.65 22.37 11.44
C THR A 249 -1.20 20.93 11.34
N SER A 250 -1.43 20.15 12.40
CA SER A 250 -0.99 18.76 12.40
C SER A 250 -1.47 18.06 11.15
N ALA A 251 -2.76 18.22 10.82
CA ALA A 251 -3.30 17.59 9.62
C ALA A 251 -2.36 17.80 8.45
N LEU A 252 -2.11 19.07 8.11
CA LEU A 252 -1.29 19.36 6.94
C LEU A 252 0.02 18.58 7.02
N GLY A 253 0.72 18.68 8.15
CA GLY A 253 1.99 18.00 8.27
C GLY A 253 1.86 16.53 7.97
N GLN A 254 0.90 15.87 8.62
CA GLN A 254 0.73 14.44 8.41
C GLN A 254 0.64 14.13 6.93
N SER A 255 -0.18 14.90 6.21
CA SER A 255 -0.29 14.68 4.77
C SER A 255 1.08 14.57 4.14
N PHE A 256 1.87 15.65 4.24
CA PHE A 256 3.20 15.63 3.64
C PHE A 256 3.97 14.43 4.14
N ILE A 257 3.96 14.22 5.46
CA ILE A 257 4.74 13.12 6.03
C ILE A 257 4.34 11.82 5.35
N PHE A 258 3.04 11.55 5.28
CA PHE A 258 2.60 10.29 4.69
C PHE A 258 2.99 10.22 3.23
N MET A 259 2.89 11.35 2.52
CA MET A 259 3.39 11.37 1.15
C MET A 259 4.85 10.93 1.12
N THR A 260 5.68 11.54 1.95
CA THR A 260 7.09 11.16 2.01
C THR A 260 7.24 9.69 2.39
N VAL A 261 6.29 9.16 3.17
CA VAL A 261 6.37 7.76 3.54
C VAL A 261 6.15 6.87 2.34
N VAL A 262 5.23 7.26 1.44
CA VAL A 262 4.85 6.40 0.33
C VAL A 262 5.80 6.59 -0.86
N TYR A 263 6.07 7.83 -1.23
CA TYR A 263 6.90 8.07 -2.41
C TYR A 263 8.33 7.58 -2.20
N PHE A 264 8.89 7.78 -1.00
CA PHE A 264 10.29 7.49 -0.74
C PHE A 264 10.54 6.39 0.29
N GLY A 265 9.57 6.06 1.13
CA GLY A 265 9.74 5.02 2.11
C GLY A 265 9.99 5.57 3.50
N PRO A 266 9.77 4.74 4.52
CA PRO A 266 9.88 5.23 5.90
C PRO A 266 11.27 5.74 6.26
N LEU A 267 12.33 5.14 5.73
CA LEU A 267 13.67 5.59 6.08
C LEU A 267 13.89 7.03 5.67
N THR A 268 13.45 7.40 4.46
CA THR A 268 13.59 8.78 4.02
C THR A 268 12.78 9.72 4.89
N CYS A 269 11.58 9.30 5.30
CA CYS A 269 10.78 10.13 6.19
C CYS A 269 11.48 10.35 7.52
N SER A 270 12.07 9.29 8.07
CA SER A 270 12.79 9.42 9.34
C SER A 270 13.97 10.37 9.20
N ILE A 271 14.73 10.23 8.12
CA ILE A 271 15.87 11.12 7.90
C ILE A 271 15.39 12.55 7.75
N ILE A 272 14.28 12.75 7.03
CA ILE A 272 13.73 14.09 6.84
C ILE A 272 13.34 14.69 8.19
N THR A 273 12.68 13.90 9.04
CA THR A 273 12.26 14.39 10.34
C THR A 273 13.46 14.80 11.19
N THR A 274 14.48 13.93 11.23
CA THR A 274 15.67 14.23 12.03
C THR A 274 16.36 15.49 11.51
N THR A 275 16.50 15.60 10.20
CA THR A 275 17.15 16.77 9.62
C THR A 275 16.34 18.03 9.88
N ARG A 276 15.01 17.92 9.83
CA ARG A 276 14.16 19.06 10.12
C ARG A 276 14.35 19.54 11.55
N LYS A 277 14.41 18.60 12.49
CA LYS A 277 14.65 18.98 13.88
C LYS A 277 16.01 19.65 14.02
N PHE A 278 17.03 19.10 13.35
CA PHE A 278 18.35 19.71 13.44
C PHE A 278 18.36 21.12 12.86
N PHE A 279 17.71 21.32 11.72
CA PHE A 279 17.68 22.64 11.10
C PHE A 279 16.90 23.62 11.96
N THR A 280 15.80 23.18 12.57
CA THR A 280 15.07 24.06 13.47
C THR A 280 15.93 24.48 14.66
N ILE A 281 16.65 23.53 15.27
CA ILE A 281 17.52 23.87 16.38
C ILE A 281 18.61 24.84 15.94
N LEU A 282 19.23 24.58 14.79
CA LEU A 282 20.29 25.46 14.29
C LEU A 282 19.77 26.86 13.99
N ALA A 283 18.59 27.00 13.40
CA ALA A 283 18.00 28.31 13.15
C ALA A 283 17.67 29.03 14.45
N SER A 284 17.09 28.32 15.42
CA SER A 284 16.77 28.96 16.69
C SER A 284 18.04 29.44 17.40
N VAL A 285 19.08 28.62 17.41
CA VAL A 285 20.31 29.00 18.11
C VAL A 285 20.95 30.21 17.45
N ILE A 286 21.01 30.21 16.11
CA ILE A 286 21.65 31.32 15.41
C ILE A 286 20.82 32.59 15.60
N LEU A 287 19.49 32.48 15.60
CA LEU A 287 18.66 33.64 15.88
C LEU A 287 18.92 34.19 17.27
N PHE A 288 19.01 33.29 18.27
CA PHE A 288 19.36 33.72 19.62
C PHE A 288 20.83 34.08 19.75
N ALA A 289 21.65 33.78 18.74
CA ALA A 289 23.07 34.11 18.75
C ALA A 289 23.80 33.43 19.91
N ASN A 290 23.29 32.29 20.34
CA ASN A 290 23.94 31.54 21.41
C ASN A 290 25.32 31.11 20.94
N PRO A 291 26.39 31.36 21.72
CA PRO A 291 27.72 30.90 21.30
C PRO A 291 27.72 29.46 20.82
N ILE A 292 28.07 29.25 19.56
CA ILE A 292 28.05 27.92 18.96
C ILE A 292 29.34 27.21 19.35
N SER A 293 29.22 26.18 20.18
CA SER A 293 30.39 25.46 20.64
C SER A 293 31.05 24.72 19.47
N PRO A 294 32.37 24.51 19.53
CA PRO A 294 33.04 23.81 18.42
C PRO A 294 32.44 22.44 18.13
N MET A 295 32.02 21.72 19.17
CA MET A 295 31.39 20.42 18.95
C MET A 295 30.14 20.58 18.08
N GLN A 296 29.39 21.67 18.28
CA GLN A 296 28.23 21.92 17.43
C GLN A 296 28.66 22.20 15.99
N TRP A 297 29.79 22.88 15.80
CA TRP A 297 30.30 23.09 14.45
C TRP A 297 30.61 21.76 13.77
N VAL A 298 31.28 20.85 14.50
CA VAL A 298 31.55 19.53 13.93
C VAL A 298 30.25 18.81 13.64
N GLY A 299 29.26 18.95 14.53
CA GLY A 299 27.98 18.28 14.29
C GLY A 299 27.32 18.77 13.00
N THR A 300 27.29 20.08 12.80
CA THR A 300 26.64 20.62 11.60
C THR A 300 27.41 20.24 10.34
N VAL A 301 28.75 20.29 10.39
CA VAL A 301 29.52 19.92 9.21
C VAL A 301 29.32 18.45 8.89
N LEU A 302 29.25 17.59 9.91
CA LEU A 302 28.98 16.18 9.69
C LEU A 302 27.59 15.97 9.08
N VAL A 303 26.59 16.68 9.61
CA VAL A 303 25.24 16.53 9.05
C VAL A 303 25.23 16.93 7.58
N PHE A 304 25.89 18.04 7.24
CA PHE A 304 25.94 18.47 5.85
C PHE A 304 26.66 17.46 4.99
N LEU A 305 27.78 16.91 5.49
CA LEU A 305 28.52 15.92 4.71
C LEU A 305 27.65 14.70 4.43
N GLY A 306 26.98 14.19 5.45
CA GLY A 306 26.14 13.02 5.26
C GLY A 306 24.98 13.29 4.31
N LEU A 307 24.33 14.45 4.46
CA LEU A 307 23.21 14.79 3.59
C LEU A 307 23.68 14.91 2.14
N GLY A 308 24.82 15.56 1.92
CA GLY A 308 25.33 15.69 0.57
C GLY A 308 25.70 14.36 -0.06
N LEU A 309 26.36 13.49 0.71
CA LEU A 309 26.69 12.17 0.19
C LEU A 309 25.43 11.40 -0.16
N ASP A 310 24.40 11.45 0.70
CA ASP A 310 23.17 10.75 0.41
C ASP A 310 22.50 11.32 -0.84
N ALA A 311 22.46 12.64 -0.98
CA ALA A 311 21.82 13.25 -2.13
C ALA A 311 22.53 12.89 -3.42
N LYS A 312 23.87 12.92 -3.42
CA LYS A 312 24.63 12.59 -4.62
C LYS A 312 24.41 11.15 -5.05
N PHE A 313 23.99 10.27 -4.14
CA PHE A 313 23.74 8.87 -4.45
C PHE A 313 22.34 8.44 -4.02
N GLY A 314 21.43 9.38 -3.83
CA GLY A 314 20.07 9.07 -3.40
C GLY A 314 19.18 8.61 -4.54
N ASP B 1 -5.10 2.83 -21.87
CA ASP B 1 -4.71 1.79 -20.88
C ASP B 1 -3.44 1.07 -21.31
N ILE B 2 -2.79 0.40 -20.37
CA ILE B 2 -1.54 -0.29 -20.66
C ILE B 2 -1.82 -1.44 -21.62
N VAL B 3 -0.97 -1.57 -22.64
CA VAL B 3 -1.09 -2.62 -23.64
C VAL B 3 0.12 -3.53 -23.51
N MET B 4 -0.15 -4.82 -23.28
CA MET B 4 0.91 -5.81 -23.12
C MET B 4 1.13 -6.53 -24.45
N THR B 5 2.38 -6.62 -24.87
CA THR B 5 2.76 -7.26 -26.12
C THR B 5 3.70 -8.42 -25.82
N GLN B 6 3.40 -9.59 -26.36
CA GLN B 6 4.24 -10.77 -26.23
C GLN B 6 4.90 -11.03 -27.58
N SER B 7 6.23 -10.92 -27.62
CA SER B 7 6.94 -10.96 -28.89
C SER B 7 6.72 -12.26 -29.65
N PRO B 8 6.95 -13.44 -29.06
CA PRO B 8 6.74 -14.69 -29.80
C PRO B 8 5.28 -15.11 -29.76
N ALA B 9 4.63 -15.07 -30.93
CA ALA B 9 3.24 -15.52 -31.00
C ALA B 9 3.11 -17.01 -30.70
N SER B 10 4.01 -17.81 -31.25
CA SER B 10 4.01 -19.25 -31.02
C SER B 10 5.45 -19.74 -31.05
N LEU B 11 5.80 -20.60 -30.09
CA LEU B 11 7.17 -21.08 -29.93
C LEU B 11 7.20 -22.58 -30.13
N THR B 12 8.16 -23.05 -30.95
CA THR B 12 8.38 -24.47 -31.18
C THR B 12 9.66 -24.88 -30.48
N VAL B 13 9.53 -25.76 -29.48
CA VAL B 13 10.66 -26.18 -28.66
C VAL B 13 10.65 -27.69 -28.53
N SER B 14 11.82 -28.25 -28.20
CA SER B 14 11.99 -29.66 -27.94
C SER B 14 11.99 -29.92 -26.43
N LEU B 15 11.72 -31.17 -26.07
CA LEU B 15 11.70 -31.54 -24.66
C LEU B 15 13.07 -31.33 -24.04
N GLY B 16 13.10 -30.72 -22.86
CA GLY B 16 14.34 -30.49 -22.13
C GLY B 16 15.03 -29.19 -22.45
N GLN B 17 14.57 -28.45 -23.45
CA GLN B 17 15.17 -27.17 -23.78
C GLN B 17 14.65 -26.08 -22.84
N SER B 18 15.39 -24.98 -22.79
CA SER B 18 15.01 -23.83 -21.99
C SER B 18 14.24 -22.83 -22.86
N VAL B 19 13.07 -22.42 -22.39
CA VAL B 19 12.20 -21.52 -23.12
C VAL B 19 12.07 -20.22 -22.35
N THR B 20 12.13 -19.11 -23.08
CA THR B 20 11.95 -17.77 -22.53
C THR B 20 10.85 -17.06 -23.30
N ILE B 21 9.84 -16.58 -22.59
CA ILE B 21 8.72 -15.87 -23.18
C ILE B 21 8.78 -14.43 -22.69
N SER B 22 8.74 -13.48 -23.63
CA SER B 22 8.93 -12.06 -23.32
C SER B 22 7.60 -11.33 -23.35
N CYS B 23 7.42 -10.40 -22.41
CA CYS B 23 6.26 -9.53 -22.35
C CYS B 23 6.73 -8.10 -22.14
N ARG B 24 6.05 -7.15 -22.78
CA ARG B 24 6.43 -5.75 -22.69
C ARG B 24 5.19 -4.89 -22.52
N ALA B 25 5.25 -3.97 -21.58
CA ALA B 25 4.14 -3.06 -21.30
C ALA B 25 4.39 -1.71 -21.97
N SER B 26 3.29 -1.05 -22.34
CA SER B 26 3.40 0.27 -22.96
C SER B 26 3.85 1.33 -21.96
N GLU B 27 3.73 1.08 -20.67
CA GLU B 27 4.13 2.02 -19.64
C GLU B 27 4.77 1.26 -18.49
N ASN B 28 5.57 1.98 -17.70
CA ASN B 28 6.21 1.36 -16.55
C ASN B 28 5.15 0.78 -15.62
N VAL B 29 5.39 -0.43 -15.14
CA VAL B 29 4.42 -1.14 -14.31
C VAL B 29 5.02 -1.40 -12.93
N GLU B 30 5.90 -0.49 -12.49
CA GLU B 30 6.52 -0.58 -11.18
C GLU B 30 5.90 0.46 -10.26
N TYR B 31 5.47 0.02 -9.08
CA TYR B 31 4.83 0.88 -8.09
C TYR B 31 5.64 0.79 -6.80
N TYR B 32 6.53 1.76 -6.59
CA TYR B 32 7.37 1.81 -5.39
C TYR B 32 8.35 0.63 -5.35
N GLY B 33 9.00 0.37 -6.49
CA GLY B 33 10.05 -0.61 -6.56
C GLY B 33 9.61 -2.04 -6.76
N THR B 34 8.31 -2.30 -6.82
CA THR B 34 7.78 -3.64 -7.06
C THR B 34 7.07 -3.66 -8.40
N SER B 35 7.35 -4.69 -9.19
CA SER B 35 6.74 -4.83 -10.52
C SER B 35 5.43 -5.59 -10.39
N LEU B 36 4.33 -4.94 -10.78
CA LEU B 36 3.00 -5.55 -10.70
C LEU B 36 2.75 -6.34 -11.97
N MET B 37 3.29 -7.56 -12.01
CA MET B 37 3.15 -8.46 -13.14
C MET B 37 2.70 -9.82 -12.66
N GLN B 38 1.93 -10.50 -13.50
CA GLN B 38 1.46 -11.84 -13.23
C GLN B 38 1.60 -12.67 -14.49
N TRP B 39 1.81 -13.97 -14.31
CA TRP B 39 1.90 -14.92 -15.41
C TRP B 39 0.94 -16.07 -15.15
N TYR B 40 0.11 -16.37 -16.15
CA TYR B 40 -0.86 -17.45 -16.07
C TYR B 40 -0.63 -18.42 -17.22
N GLN B 41 -1.02 -19.68 -16.99
CA GLN B 41 -0.90 -20.74 -17.99
C GLN B 41 -2.28 -21.33 -18.24
N GLN B 42 -2.69 -21.35 -19.50
CA GLN B 42 -4.00 -21.85 -19.90
C GLN B 42 -3.80 -23.00 -20.88
N LYS B 43 -4.21 -24.20 -20.48
CA LYS B 43 -4.24 -25.34 -21.38
C LYS B 43 -5.48 -25.26 -22.27
N PRO B 44 -5.49 -25.97 -23.39
CA PRO B 44 -6.64 -25.90 -24.29
C PRO B 44 -7.93 -26.29 -23.58
N GLY B 45 -8.99 -25.53 -23.83
CA GLY B 45 -10.29 -25.83 -23.26
C GLY B 45 -10.33 -25.85 -21.75
N GLN B 46 -9.43 -25.15 -21.09
CA GLN B 46 -9.37 -25.11 -19.64
C GLN B 46 -9.21 -23.66 -19.17
N PRO B 47 -9.65 -23.36 -17.95
CA PRO B 47 -9.44 -22.01 -17.43
C PRO B 47 -7.96 -21.75 -17.20
N PRO B 48 -7.51 -20.51 -17.35
CA PRO B 48 -6.09 -20.21 -17.11
C PRO B 48 -5.69 -20.58 -15.69
N LYS B 49 -4.46 -21.05 -15.54
CA LYS B 49 -3.91 -21.44 -14.26
C LYS B 49 -2.91 -20.39 -13.80
N PHE B 50 -3.06 -19.95 -12.56
CA PHE B 50 -2.19 -18.92 -12.01
C PHE B 50 -0.81 -19.49 -11.72
N LEU B 51 0.23 -18.83 -12.23
CA LEU B 51 1.60 -19.32 -12.09
C LEU B 51 2.46 -18.40 -11.24
N ILE B 52 2.56 -17.12 -11.59
CA ILE B 52 3.54 -16.22 -10.97
C ILE B 52 2.88 -14.88 -10.68
N TYR B 53 3.27 -14.27 -9.55
CA TYR B 53 2.89 -12.91 -9.22
C TYR B 53 4.13 -12.11 -8.87
N GLY B 54 4.09 -10.82 -9.19
CA GLY B 54 5.21 -9.94 -8.93
C GLY B 54 6.35 -10.05 -9.92
N ALA B 55 6.21 -10.89 -10.95
CA ALA B 55 7.23 -11.07 -11.98
C ALA B 55 8.40 -11.90 -11.49
N SER B 56 8.46 -12.19 -10.19
CA SER B 56 9.55 -12.98 -9.63
C SER B 56 9.13 -14.02 -8.62
N ASN B 57 7.90 -13.98 -8.10
CA ASN B 57 7.47 -14.90 -7.05
C ASN B 57 6.67 -16.05 -7.66
N ILE B 58 7.13 -17.27 -7.42
CA ILE B 58 6.44 -18.45 -7.92
C ILE B 58 5.31 -18.82 -6.97
N GLU B 59 4.11 -18.99 -7.52
CA GLU B 59 2.97 -19.36 -6.70
C GLU B 59 3.21 -20.68 -6.00
N SER B 60 2.79 -20.77 -4.73
CA SER B 60 2.96 -21.99 -3.96
C SER B 60 2.30 -23.16 -4.67
N GLY B 61 3.02 -24.28 -4.73
CA GLY B 61 2.56 -25.46 -5.41
C GLY B 61 3.00 -25.58 -6.85
N VAL B 62 3.44 -24.49 -7.46
CA VAL B 62 3.94 -24.51 -8.83
C VAL B 62 5.32 -25.15 -8.83
N PRO B 63 5.69 -25.90 -9.88
CA PRO B 63 7.04 -26.48 -9.90
C PRO B 63 8.11 -25.41 -9.95
N ALA B 64 9.29 -25.76 -9.43
CA ALA B 64 10.42 -24.84 -9.44
C ALA B 64 10.97 -24.58 -10.83
N ARG B 65 10.51 -25.32 -11.84
CA ARG B 65 10.99 -25.11 -13.20
C ARG B 65 10.71 -23.69 -13.67
N PHE B 66 9.51 -23.18 -13.37
CA PHE B 66 9.14 -21.85 -13.81
C PHE B 66 9.90 -20.79 -13.01
N SER B 67 10.24 -19.69 -13.67
CA SER B 67 10.85 -18.56 -12.99
C SER B 67 10.51 -17.29 -13.76
N GLY B 68 10.52 -16.17 -13.04
CA GLY B 68 10.23 -14.88 -13.63
C GLY B 68 11.40 -13.94 -13.47
N SER B 69 11.55 -13.01 -14.40
CA SER B 69 12.64 -12.05 -14.35
C SER B 69 12.23 -10.81 -15.14
N GLY B 70 13.02 -9.75 -14.99
CA GLY B 70 12.80 -8.52 -15.69
C GLY B 70 12.30 -7.42 -14.76
N SER B 71 12.07 -6.26 -15.34
CA SER B 71 11.65 -5.08 -14.60
C SER B 71 11.26 -4.00 -15.60
N GLY B 72 10.92 -2.83 -15.09
CA GLY B 72 10.54 -1.71 -15.93
C GLY B 72 9.38 -2.05 -16.83
N THR B 73 9.62 -2.07 -18.13
CA THR B 73 8.61 -2.41 -19.12
C THR B 73 8.96 -3.68 -19.90
N ASP B 74 9.87 -4.50 -19.38
CA ASP B 74 10.28 -5.73 -20.05
C ASP B 74 10.37 -6.83 -19.02
N PHE B 75 9.63 -7.92 -19.25
CA PHE B 75 9.60 -9.05 -18.34
C PHE B 75 9.75 -10.33 -19.16
N SER B 76 10.20 -11.39 -18.48
CA SER B 76 10.41 -12.67 -19.14
C SER B 76 10.06 -13.80 -18.18
N LEU B 77 9.49 -14.86 -18.74
CA LEU B 77 9.18 -16.09 -18.02
C LEU B 77 10.05 -17.21 -18.59
N ASN B 78 10.77 -17.90 -17.72
CA ASN B 78 11.76 -18.89 -18.13
C ASN B 78 11.36 -20.26 -17.58
N ILE B 79 11.44 -21.27 -18.43
CA ILE B 79 11.25 -22.66 -18.03
C ILE B 79 12.44 -23.43 -18.63
N HIS B 80 13.39 -23.81 -17.79
CA HIS B 80 14.58 -24.47 -18.29
C HIS B 80 14.31 -25.93 -18.63
N PRO B 81 13.86 -26.76 -17.68
CA PRO B 81 13.55 -28.16 -18.03
C PRO B 81 12.10 -28.36 -18.47
N VAL B 82 11.79 -27.92 -19.69
CA VAL B 82 10.43 -28.04 -20.19
C VAL B 82 10.09 -29.51 -20.40
N GLU B 83 8.91 -29.90 -19.92
CA GLU B 83 8.38 -31.25 -20.11
C GLU B 83 7.05 -31.17 -20.83
N GLU B 84 6.47 -32.35 -21.10
CA GLU B 84 5.17 -32.39 -21.78
C GLU B 84 4.09 -31.69 -20.97
N ASP B 85 4.24 -31.65 -19.65
CA ASP B 85 3.20 -31.05 -18.81
C ASP B 85 3.04 -29.57 -19.13
N ASP B 86 4.15 -28.84 -19.26
CA ASP B 86 4.09 -27.40 -19.49
C ASP B 86 4.05 -27.09 -20.98
N ILE B 87 2.99 -27.56 -21.62
CA ILE B 87 2.67 -27.22 -23.00
C ILE B 87 1.27 -26.61 -22.99
N ALA B 88 1.21 -25.31 -23.24
CA ALA B 88 -0.04 -24.56 -23.09
C ALA B 88 0.20 -23.15 -23.62
N MET B 89 -0.79 -22.28 -23.47
CA MET B 89 -0.66 -20.87 -23.76
C MET B 89 -0.29 -20.13 -22.48
N TYR B 90 0.54 -19.10 -22.62
CA TYR B 90 1.02 -18.33 -21.47
C TYR B 90 0.63 -16.87 -21.64
N PHE B 91 0.04 -16.30 -20.59
CA PHE B 91 -0.45 -14.93 -20.61
C PHE B 91 0.25 -14.11 -19.54
N CYS B 92 0.60 -12.88 -19.89
CA CYS B 92 1.19 -11.91 -18.97
C CYS B 92 0.17 -10.83 -18.68
N GLN B 93 -0.06 -10.56 -17.40
CA GLN B 93 -1.09 -9.63 -16.95
C GLN B 93 -0.43 -8.55 -16.10
N GLN B 94 -0.95 -7.33 -16.21
CA GLN B 94 -0.47 -6.19 -15.44
C GLN B 94 -1.58 -5.70 -14.52
N SER B 95 -1.23 -5.48 -13.26
CA SER B 95 -2.17 -4.96 -12.27
C SER B 95 -1.78 -3.54 -11.83
N ARG B 96 -1.13 -2.80 -12.72
CA ARG B 96 -0.68 -1.45 -12.39
C ARG B 96 -1.82 -0.44 -12.40
N LYS B 97 -2.82 -0.64 -13.25
CA LYS B 97 -3.95 0.27 -13.36
C LYS B 97 -5.25 -0.51 -13.28
N VAL B 98 -6.34 0.22 -12.99
CA VAL B 98 -7.62 -0.44 -12.76
C VAL B 98 -8.02 -1.34 -13.94
N PRO B 99 -7.83 -0.95 -15.20
CA PRO B 99 -8.24 -1.89 -16.26
C PRO B 99 -7.19 -2.97 -16.48
N TYR B 100 -7.22 -3.99 -15.63
CA TYR B 100 -6.25 -5.06 -15.72
C TYR B 100 -6.31 -5.70 -17.10
N THR B 101 -5.16 -5.88 -17.73
CA THR B 101 -5.06 -6.37 -19.10
C THR B 101 -4.19 -7.61 -19.16
N PHE B 102 -4.46 -8.44 -20.17
CA PHE B 102 -3.70 -9.65 -20.43
C PHE B 102 -3.01 -9.54 -21.78
N GLY B 103 -1.87 -10.20 -21.91
CA GLY B 103 -1.15 -10.19 -23.15
C GLY B 103 -1.86 -10.98 -24.23
N SER B 104 -1.37 -10.82 -25.46
CA SER B 104 -1.97 -11.52 -26.59
C SER B 104 -1.88 -13.03 -26.46
N GLY B 105 -0.97 -13.52 -25.61
CA GLY B 105 -0.85 -14.94 -25.39
C GLY B 105 0.23 -15.59 -26.23
N THR B 106 1.08 -16.40 -25.60
CA THR B 106 2.15 -17.10 -26.29
C THR B 106 1.88 -18.60 -26.22
N LYS B 107 1.87 -19.26 -27.37
CA LYS B 107 1.58 -20.68 -27.46
C LYS B 107 2.89 -21.46 -27.53
N LEU B 108 2.96 -22.54 -26.76
CA LEU B 108 4.12 -23.44 -26.77
C LEU B 108 3.70 -24.78 -27.35
N GLU B 109 4.55 -25.33 -28.21
CA GLU B 109 4.26 -26.60 -28.87
C GLU B 109 5.56 -27.39 -29.06
N ILE B 110 5.41 -28.70 -29.19
CA ILE B 110 6.53 -29.62 -29.34
C ILE B 110 6.67 -29.99 -30.81
N LYS B 111 7.91 -30.14 -31.27
CA LYS B 111 8.17 -30.57 -32.63
C LYS B 111 7.70 -32.00 -32.84
N GLY B 112 7.38 -32.33 -34.09
CA GLY B 112 6.95 -33.66 -34.45
C GLY B 112 5.49 -33.97 -34.17
N SER B 113 4.72 -32.97 -33.72
CA SER B 113 3.31 -33.19 -33.44
C SER B 113 2.48 -33.14 -34.73
N SER B 485 -15.20 -29.73 -0.80
CA SER B 485 -15.31 -29.03 0.47
C SER B 485 -13.97 -28.49 0.94
N GLY B 486 -12.89 -29.09 0.46
CA GLY B 486 -11.56 -28.66 0.80
C GLY B 486 -11.02 -27.50 -0.01
N GLU B 487 -11.82 -26.96 -0.94
CA GLU B 487 -11.40 -25.85 -1.77
C GLU B 487 -12.64 -25.03 -2.11
N VAL B 488 -12.50 -24.13 -3.08
CA VAL B 488 -13.59 -23.29 -3.56
C VAL B 488 -14.01 -23.77 -4.94
N GLN B 489 -15.29 -24.01 -5.12
CA GLN B 489 -15.86 -24.45 -6.39
C GLN B 489 -16.77 -23.36 -6.93
N LEU B 490 -16.60 -23.04 -8.21
CA LEU B 490 -17.41 -22.03 -8.89
C LEU B 490 -18.08 -22.64 -10.10
N GLN B 491 -19.36 -22.30 -10.31
CA GLN B 491 -20.12 -22.79 -11.44
C GLN B 491 -20.87 -21.63 -12.08
N GLU B 492 -20.68 -21.44 -13.38
CA GLU B 492 -21.30 -20.35 -14.10
C GLU B 492 -22.48 -20.86 -14.92
N SER B 493 -23.56 -20.07 -14.95
CA SER B 493 -24.75 -20.41 -15.70
C SER B 493 -25.23 -19.18 -16.45
N GLY B 494 -25.80 -19.41 -17.63
CA GLY B 494 -26.33 -18.35 -18.45
C GLY B 494 -26.81 -18.88 -19.79
N PRO B 495 -27.61 -18.10 -20.50
CA PRO B 495 -28.13 -18.56 -21.79
C PRO B 495 -27.01 -18.80 -22.78
N GLY B 496 -27.17 -19.84 -23.60
CA GLY B 496 -26.14 -20.18 -24.57
C GLY B 496 -26.23 -19.39 -25.87
N LEU B 497 -27.43 -18.98 -26.25
CA LEU B 497 -27.66 -18.22 -27.48
C LEU B 497 -28.58 -17.06 -27.18
N VAL B 498 -28.19 -15.86 -27.61
CA VAL B 498 -28.95 -14.64 -27.35
C VAL B 498 -28.95 -13.78 -28.61
N LYS B 499 -30.12 -13.24 -28.93
CA LYS B 499 -30.22 -12.31 -30.05
C LYS B 499 -29.57 -10.97 -29.67
N PRO B 500 -29.10 -10.21 -30.65
CA PRO B 500 -28.46 -8.93 -30.32
C PRO B 500 -29.44 -7.95 -29.70
N SER B 501 -28.93 -7.11 -28.81
CA SER B 501 -29.66 -6.04 -28.15
C SER B 501 -30.54 -6.54 -27.01
N GLN B 502 -30.40 -7.79 -26.59
CA GLN B 502 -31.20 -8.34 -25.50
C GLN B 502 -30.37 -8.38 -24.23
N SER B 503 -30.91 -7.81 -23.16
CA SER B 503 -30.20 -7.83 -21.88
C SER B 503 -29.94 -9.26 -21.43
N LEU B 504 -28.74 -9.51 -20.93
CA LEU B 504 -28.29 -10.83 -20.54
C LEU B 504 -27.83 -10.81 -19.09
N SER B 505 -27.91 -11.96 -18.43
CA SER B 505 -27.51 -12.06 -17.03
C SER B 505 -26.90 -13.43 -16.78
N LEU B 506 -25.64 -13.45 -16.36
CA LEU B 506 -24.95 -14.67 -15.99
C LEU B 506 -24.80 -14.73 -14.47
N THR B 507 -24.86 -15.96 -13.94
CA THR B 507 -24.82 -16.19 -12.50
C THR B 507 -23.68 -17.14 -12.17
N CYS B 508 -22.78 -16.72 -11.30
CA CYS B 508 -21.72 -17.58 -10.80
C CYS B 508 -22.07 -17.98 -9.36
N SER B 509 -22.22 -19.27 -9.14
CA SER B 509 -22.56 -19.83 -7.83
C SER B 509 -21.32 -20.45 -7.22
N VAL B 510 -21.09 -20.14 -5.95
CA VAL B 510 -19.90 -20.57 -5.22
C VAL B 510 -20.31 -21.58 -4.16
N THR B 511 -19.63 -22.73 -4.17
CA THR B 511 -19.84 -23.76 -3.16
C THR B 511 -18.51 -24.10 -2.52
N GLY B 512 -18.58 -24.48 -1.24
CA GLY B 512 -17.39 -24.74 -0.46
C GLY B 512 -16.75 -23.51 0.16
N TYR B 513 -17.33 -22.34 -0.05
CA TYR B 513 -16.79 -21.10 0.50
C TYR B 513 -17.91 -20.07 0.54
N SER B 514 -17.69 -19.04 1.35
CA SER B 514 -18.64 -17.93 1.50
C SER B 514 -18.07 -16.69 0.83
N ILE B 515 -18.88 -16.04 0.01
CA ILE B 515 -18.43 -14.85 -0.71
C ILE B 515 -18.38 -13.61 0.16
N THR B 516 -18.70 -13.74 1.45
CA THR B 516 -18.58 -12.63 2.39
C THR B 516 -17.23 -12.60 3.11
N SER B 517 -16.33 -13.53 2.78
CA SER B 517 -15.00 -13.54 3.36
C SER B 517 -14.02 -12.82 2.44
N ASP B 518 -12.78 -12.70 2.90
CA ASP B 518 -11.83 -11.80 2.25
C ASP B 518 -11.33 -12.35 0.93
N TYR B 519 -12.07 -12.10 -0.15
CA TYR B 519 -11.65 -12.50 -1.48
C TYR B 519 -12.41 -11.70 -2.52
N TYR B 520 -11.69 -11.19 -3.52
CA TYR B 520 -12.32 -10.54 -4.67
C TYR B 520 -12.93 -11.58 -5.58
N TRP B 521 -14.10 -11.28 -6.14
CA TRP B 521 -14.78 -12.17 -7.07
C TRP B 521 -14.95 -11.44 -8.39
N ASN B 522 -14.28 -11.93 -9.43
CA ASN B 522 -14.12 -11.22 -10.68
C ASN B 522 -14.85 -11.94 -11.80
N TRP B 523 -15.41 -11.17 -12.72
CA TRP B 523 -15.93 -11.66 -13.98
C TRP B 523 -14.97 -11.27 -15.09
N ILE B 524 -14.51 -12.26 -15.85
CA ILE B 524 -13.58 -12.09 -16.95
C ILE B 524 -14.18 -12.77 -18.17
N ARG B 525 -13.71 -12.38 -19.35
CA ARG B 525 -14.16 -13.02 -20.58
C ARG B 525 -12.99 -13.21 -21.52
N GLN B 526 -13.09 -14.25 -22.35
CA GLN B 526 -12.09 -14.59 -23.35
C GLN B 526 -12.77 -14.65 -24.70
N PHE B 527 -12.30 -13.83 -25.64
CA PHE B 527 -12.86 -13.80 -26.98
C PHE B 527 -12.26 -14.92 -27.82
N PRO B 528 -12.83 -15.17 -29.00
CA PRO B 528 -12.15 -16.06 -29.94
C PRO B 528 -10.76 -15.52 -30.27
N GLY B 529 -9.79 -16.42 -30.36
CA GLY B 529 -8.40 -16.04 -30.46
C GLY B 529 -7.66 -16.00 -29.14
N ASN B 530 -8.34 -16.27 -28.03
CA ASN B 530 -7.70 -16.39 -26.72
C ASN B 530 -7.19 -15.04 -26.21
N LYS B 531 -7.96 -13.97 -26.48
CA LYS B 531 -7.62 -12.63 -26.01
C LYS B 531 -8.46 -12.35 -24.77
N LEU B 532 -7.85 -12.50 -23.59
CA LEU B 532 -8.57 -12.30 -22.34
C LEU B 532 -8.88 -10.82 -22.12
N GLU B 533 -9.88 -10.58 -21.29
CA GLU B 533 -10.28 -9.21 -20.97
C GLU B 533 -11.04 -9.24 -19.65
N TRP B 534 -10.49 -8.60 -18.62
CA TRP B 534 -11.11 -8.59 -17.31
C TRP B 534 -12.31 -7.65 -17.33
N MET B 535 -13.50 -8.19 -17.08
CA MET B 535 -14.72 -7.38 -17.17
C MET B 535 -14.90 -6.52 -15.93
N ALA B 536 -14.95 -7.15 -14.75
CA ALA B 536 -15.19 -6.39 -13.53
C ALA B 536 -14.94 -7.30 -12.33
N TYR B 537 -15.15 -6.75 -11.14
CA TYR B 537 -15.06 -7.55 -9.92
C TYR B 537 -15.82 -6.88 -8.81
N ILE B 538 -16.18 -7.68 -7.81
CA ILE B 538 -16.84 -7.23 -6.59
C ILE B 538 -16.06 -7.77 -5.40
N ARG B 539 -15.80 -6.92 -4.42
CA ARG B 539 -15.13 -7.35 -3.21
C ARG B 539 -16.17 -7.78 -2.16
N TYR B 540 -15.71 -8.62 -1.23
CA TYR B 540 -16.61 -9.14 -0.20
C TYR B 540 -17.25 -8.02 0.61
N ASP B 541 -16.60 -6.87 0.72
CA ASP B 541 -17.21 -5.72 1.38
C ASP B 541 -18.34 -5.13 0.56
N GLY B 542 -18.52 -5.54 -0.69
CA GLY B 542 -19.48 -4.94 -1.59
C GLY B 542 -18.90 -3.91 -2.53
N THR B 543 -17.68 -3.43 -2.26
CA THR B 543 -17.03 -2.51 -3.16
C THR B 543 -16.76 -3.21 -4.49
N SER B 544 -17.14 -2.54 -5.58
CA SER B 544 -17.05 -3.12 -6.92
C SER B 544 -16.26 -2.21 -7.83
N ASP B 545 -15.54 -2.81 -8.76
CA ASP B 545 -14.79 -2.09 -9.78
C ASP B 545 -15.13 -2.66 -11.14
N TYR B 546 -15.09 -1.79 -12.15
CA TYR B 546 -15.46 -2.15 -13.51
C TYR B 546 -14.37 -1.71 -14.46
N ASN B 547 -14.31 -2.39 -15.61
CA ASN B 547 -13.47 -1.92 -16.69
C ASN B 547 -14.03 -0.60 -17.19
N PRO B 548 -13.26 0.50 -17.18
CA PRO B 548 -13.84 1.79 -17.57
C PRO B 548 -14.47 1.77 -18.95
N SER B 549 -13.97 0.94 -19.86
CA SER B 549 -14.60 0.83 -21.18
C SER B 549 -16.03 0.32 -21.07
N LEU B 550 -16.26 -0.68 -20.22
CA LEU B 550 -17.57 -1.32 -20.09
C LEU B 550 -18.35 -0.84 -18.88
N LYS B 551 -17.84 0.13 -18.11
CA LYS B 551 -18.51 0.54 -16.89
C LYS B 551 -19.93 1.02 -17.17
N ASN B 552 -20.20 1.51 -18.38
CA ASN B 552 -21.51 2.00 -18.73
C ASN B 552 -22.46 0.90 -19.22
N ARG B 553 -21.94 -0.27 -19.61
CA ARG B 553 -22.74 -1.32 -20.19
C ARG B 553 -23.07 -2.45 -19.22
N ILE B 554 -22.18 -2.78 -18.29
CA ILE B 554 -22.34 -3.94 -17.44
C ILE B 554 -22.61 -3.50 -16.00
N SER B 555 -23.13 -4.43 -15.21
CA SER B 555 -23.36 -4.20 -13.79
C SER B 555 -23.17 -5.52 -13.04
N ILE B 556 -22.41 -5.47 -11.95
CA ILE B 556 -22.11 -6.66 -11.15
C ILE B 556 -22.80 -6.53 -9.80
N THR B 557 -23.55 -7.56 -9.42
CA THR B 557 -24.26 -7.59 -8.15
C THR B 557 -23.99 -8.93 -7.47
N ARG B 558 -24.42 -9.05 -6.21
CA ARG B 558 -24.21 -10.29 -5.47
C ARG B 558 -25.44 -10.58 -4.62
N ASP B 559 -25.60 -11.87 -4.27
CA ASP B 559 -26.65 -12.34 -3.40
C ASP B 559 -26.01 -13.32 -2.42
N THR B 560 -25.83 -12.88 -1.18
CA THR B 560 -25.16 -13.72 -0.18
C THR B 560 -26.05 -14.84 0.32
N SER B 561 -27.36 -14.66 0.27
CA SER B 561 -28.27 -15.70 0.76
C SER B 561 -28.07 -17.00 -0.02
N LYS B 562 -27.97 -16.91 -1.34
CA LYS B 562 -27.69 -18.06 -2.18
C LYS B 562 -26.19 -18.26 -2.43
N ASN B 563 -25.35 -17.33 -1.98
CA ASN B 563 -23.91 -17.42 -2.19
C ASN B 563 -23.58 -17.38 -3.68
N GLN B 564 -24.13 -16.38 -4.37
CA GLN B 564 -23.93 -16.23 -5.80
C GLN B 564 -23.59 -14.77 -6.12
N PHE B 565 -23.05 -14.55 -7.31
CA PHE B 565 -22.93 -13.19 -7.82
C PHE B 565 -23.23 -13.18 -9.31
N PHE B 566 -23.89 -12.10 -9.75
CA PHE B 566 -24.46 -12.00 -11.08
C PHE B 566 -23.80 -10.86 -11.85
N LEU B 567 -23.64 -11.07 -13.15
CA LEU B 567 -23.19 -10.04 -14.08
C LEU B 567 -24.28 -9.81 -15.10
N LYS B 568 -24.69 -8.55 -15.25
CA LYS B 568 -25.76 -8.18 -16.16
C LYS B 568 -25.18 -7.29 -17.27
N LEU B 569 -25.46 -7.66 -18.52
CA LEU B 569 -25.04 -6.91 -19.69
C LEU B 569 -26.26 -6.33 -20.38
N ASN B 570 -26.16 -5.06 -20.77
CA ASN B 570 -27.26 -4.35 -21.41
C ASN B 570 -26.98 -4.22 -22.90
N SER B 571 -27.92 -4.69 -23.72
CA SER B 571 -27.84 -4.57 -25.17
C SER B 571 -26.55 -5.19 -25.70
N VAL B 572 -26.44 -6.50 -25.51
CA VAL B 572 -25.27 -7.23 -26.00
C VAL B 572 -25.26 -7.22 -27.51
N ALA B 573 -24.10 -6.90 -28.09
CA ALA B 573 -23.92 -6.89 -29.53
C ALA B 573 -23.15 -8.12 -29.98
N THR B 574 -23.06 -8.29 -31.30
CA THR B 574 -22.40 -9.46 -31.86
C THR B 574 -20.94 -9.55 -31.43
N GLU B 575 -20.32 -8.43 -31.03
CA GLU B 575 -18.94 -8.45 -30.58
C GLU B 575 -18.76 -9.07 -29.22
N ASP B 576 -19.85 -9.38 -28.51
CA ASP B 576 -19.77 -9.91 -27.15
C ASP B 576 -19.66 -11.43 -27.10
N THR B 577 -19.67 -12.10 -28.25
CA THR B 577 -19.49 -13.55 -28.25
C THR B 577 -18.17 -13.92 -27.59
N ALA B 578 -18.22 -14.76 -26.56
CA ALA B 578 -17.01 -15.07 -25.81
C ALA B 578 -17.33 -16.12 -24.75
N THR B 579 -16.27 -16.58 -24.09
CA THR B 579 -16.39 -17.50 -22.96
C THR B 579 -16.17 -16.72 -21.67
N TYR B 580 -17.16 -16.73 -20.79
CA TYR B 580 -17.14 -15.94 -19.56
C TYR B 580 -16.75 -16.81 -18.39
N TYR B 581 -15.74 -16.37 -17.64
CA TYR B 581 -15.26 -17.05 -16.45
C TYR B 581 -15.56 -16.20 -15.22
N CYS B 582 -15.88 -16.85 -14.11
CA CYS B 582 -15.95 -16.21 -12.81
C CYS B 582 -14.84 -16.78 -11.95
N ALA B 583 -14.00 -15.92 -11.41
CA ALA B 583 -12.79 -16.31 -10.71
C ALA B 583 -12.73 -15.65 -9.34
N ARG B 584 -11.94 -16.25 -8.45
CA ARG B 584 -11.67 -15.71 -7.14
C ARG B 584 -10.21 -15.27 -7.08
N ALA B 585 -9.97 -14.04 -6.66
CA ALA B 585 -8.65 -13.46 -6.66
C ALA B 585 -8.37 -12.78 -5.32
N TYR B 586 -7.10 -12.82 -4.92
CA TYR B 586 -6.63 -12.14 -3.73
C TYR B 586 -5.54 -11.16 -4.13
N TYR B 587 -5.56 -9.97 -3.53
CA TYR B 587 -4.62 -8.91 -3.90
C TYR B 587 -3.36 -9.04 -3.06
N TYR B 588 -2.24 -9.28 -3.73
CA TYR B 588 -0.93 -9.29 -3.07
C TYR B 588 0.11 -9.08 -4.16
N ASP B 589 0.78 -7.93 -4.14
CA ASP B 589 1.67 -7.53 -5.22
C ASP B 589 0.93 -7.52 -6.56
N GLY B 590 -0.34 -7.13 -6.53
CA GLY B 590 -1.21 -7.18 -7.68
C GLY B 590 -2.31 -8.22 -7.50
N ILE B 591 -3.31 -8.11 -8.35
CA ILE B 591 -4.46 -9.01 -8.28
C ILE B 591 -4.11 -10.32 -8.98
N ASN B 592 -4.35 -11.45 -8.30
CA ASN B 592 -4.02 -12.76 -8.81
C ASN B 592 -5.28 -13.62 -8.83
N PHE B 593 -5.64 -14.13 -10.01
CA PHE B 593 -6.82 -14.97 -10.16
C PHE B 593 -6.42 -16.42 -9.95
N ASP B 594 -6.24 -16.79 -8.68
CA ASP B 594 -5.76 -18.12 -8.36
C ASP B 594 -6.79 -19.19 -8.74
N TYR B 595 -8.06 -18.97 -8.42
CA TYR B 595 -9.12 -19.94 -8.63
C TYR B 595 -10.06 -19.44 -9.73
N TRP B 596 -10.39 -20.32 -10.66
CA TRP B 596 -11.22 -19.97 -11.81
C TRP B 596 -12.38 -20.95 -11.91
N GLY B 597 -13.48 -20.47 -12.50
CA GLY B 597 -14.58 -21.33 -12.86
C GLY B 597 -14.29 -22.08 -14.15
N GLN B 598 -15.26 -22.88 -14.56
CA GLN B 598 -15.09 -23.70 -15.75
C GLN B 598 -15.43 -22.96 -17.05
N GLY B 599 -15.95 -21.75 -16.96
CA GLY B 599 -16.26 -20.98 -18.15
C GLY B 599 -17.57 -21.38 -18.79
N THR B 600 -18.35 -20.39 -19.22
CA THR B 600 -19.61 -20.62 -19.91
C THR B 600 -19.57 -19.87 -21.24
N THR B 601 -19.94 -20.55 -22.31
CA THR B 601 -19.95 -19.93 -23.63
C THR B 601 -21.14 -18.99 -23.77
N LEU B 602 -20.97 -17.97 -24.61
CA LEU B 602 -22.06 -17.05 -24.93
C LEU B 602 -21.89 -16.64 -26.38
N THR B 603 -22.89 -16.96 -27.19
CA THR B 603 -22.87 -16.68 -28.63
C THR B 603 -24.02 -15.74 -28.96
N VAL B 604 -23.70 -14.60 -29.54
CA VAL B 604 -24.68 -13.61 -29.96
C VAL B 604 -24.75 -13.65 -31.48
N SER B 605 -25.93 -13.98 -32.01
CA SER B 605 -26.11 -14.16 -33.44
C SER B 605 -27.50 -13.65 -33.83
N SER B 606 -27.62 -13.28 -35.10
CA SER B 606 -28.88 -12.79 -35.65
C SER B 606 -29.77 -13.91 -36.16
N GLU B 607 -29.36 -15.16 -36.01
CA GLU B 607 -30.14 -16.32 -36.45
C GLU B 607 -30.11 -17.39 -35.38
N ASN B 608 -31.14 -18.22 -35.38
CA ASN B 608 -31.23 -19.32 -34.43
C ASN B 608 -30.42 -20.51 -34.94
N LEU B 609 -29.56 -21.06 -34.08
CA LEU B 609 -28.72 -22.19 -34.44
C LEU B 609 -29.52 -23.47 -34.31
N TYR B 610 -29.84 -24.08 -35.44
CA TYR B 610 -30.62 -25.31 -35.49
C TYR B 610 -29.97 -26.30 -36.45
N PHE B 611 -29.96 -27.57 -36.06
CA PHE B 611 -29.38 -28.63 -36.90
C PHE B 611 -27.95 -28.29 -37.30
N GLN B 612 -27.18 -27.77 -36.34
CA GLN B 612 -25.80 -27.38 -36.60
C GLN B 612 -25.00 -27.33 -35.31
PB ADP C . 8.98 14.67 18.83
O1B ADP C . 9.78 15.91 18.48
O2B ADP C . 9.73 13.38 18.66
O3B ADP C . 8.20 14.78 20.12
PA ADP C . 8.27 14.47 16.14
O1A ADP C . 8.89 15.78 15.71
O2A ADP C . 9.04 13.18 15.97
O3A ADP C . 7.85 14.61 17.70
O5' ADP C . 6.86 14.31 15.40
C5' ADP C . 6.82 14.06 14.00
C4' ADP C . 5.41 13.67 13.58
O4' ADP C . 5.43 13.16 12.25
C3' ADP C . 4.83 12.59 14.48
O3' ADP C . 3.76 13.12 15.28
C2' ADP C . 4.33 11.50 13.56
O2' ADP C . 2.90 11.38 13.63
C1' ADP C . 4.75 11.91 12.15
N9 ADP C . 5.66 10.88 11.59
C8 ADP C . 7.00 11.01 11.49
N7 ADP C . 7.55 9.90 10.93
C5 ADP C . 6.54 9.05 10.67
C6 ADP C . 6.43 7.69 10.08
N6 ADP C . 7.53 7.03 9.66
N1 ADP C . 5.19 7.15 9.99
C2 ADP C . 4.09 7.80 10.40
N3 ADP C . 4.13 9.03 10.95
C4 ADP C . 5.30 9.69 11.11
H5'1 ADP C . 7.52 13.26 13.75
H5'2 ADP C . 7.13 14.96 13.45
H4' ADP C . 4.77 14.55 13.63
H3' ADP C . 5.62 12.18 15.11
HO3' ADP C . 3.50 12.46 15.94
H2' ADP C . 4.81 10.54 13.81
HO2' ADP C . 2.65 11.02 14.49
H1' ADP C . 3.85 12.01 11.52
H8 ADP C . 7.56 11.89 11.81
HN61 ADP C . 7.44 6.10 9.26
HN62 ADP C . 8.44 7.45 9.74
H2 ADP C . 3.13 7.31 10.31
#